data_3IAR
#
_entry.id   3IAR
#
_cell.length_a   61.070
_cell.length_b   73.510
_cell.length_c   76.660
_cell.angle_alpha   90.00
_cell.angle_beta   90.00
_cell.angle_gamma   90.00
#
_symmetry.space_group_name_H-M   'P 21 21 21'
#
loop_
_entity.id
_entity.type
_entity.pdbx_description
1 polymer 'Adenosine deaminase'
2 non-polymer (2R,3S,5R)-5-(6-amino-9H-purin-9-yl)-tetrahydro-2-(hydroxymethyl)furan-3-ol
3 non-polymer 'NICKEL (II) ION'
4 non-polymer 'NITRATE ION'
5 non-polymer GLYCEROL
6 water water
#
_entity_poly.entity_id   1
_entity_poly.type   'polypeptide(L)'
_entity_poly.pdbx_seq_one_letter_code
;MPAFDKPKVELHVHLDGSIKPETILYYGRRRGIALPANTAEGLLNVIGMDKPLTLPDFLAKFDYYMPAIAGCREAIKRIA
YEFVEMKAKEGVVYVEVRYSPHLLANSKVEPIPWNQAEGDLTPDEVVALVGQGLQEGERDFGVKARSILCCMRHQPNWSP
KVVELCKKYQQQTVVAIDLAGDETIPGSSLLPGHVQAYQEAVKSGIHRTVHAGEVGSAEVVKEAVDILKTERLGHGYHTL
EDQALYNRLRQENMHFEICPWSSYLTGAWKPDTEHAVIRLKNDQANYSLNTDDPLIFKSTLDTDYQMTKRDMGFTEEEFK
RLNINAAKSSFLPEDEKRELLDLLYKAYGMPPSASAGQNLAENLYFQ
;
_entity_poly.pdbx_strand_id   A
#
loop_
_chem_comp.id
_chem_comp.type
_chem_comp.name
_chem_comp.formula
3D1 non-polymer (2R,3S,5R)-5-(6-amino-9H-purin-9-yl)-tetrahydro-2-(hydroxymethyl)furan-3-ol 'C10 H13 N5 O3'
GOL non-polymer GLYCEROL 'C3 H8 O3'
NI non-polymer 'NICKEL (II) ION' 'Ni 2'
NO3 non-polymer 'NITRATE ION' 'N O3 -1'
#
# COMPACT_ATOMS: atom_id res chain seq x y z
N PRO A 2 15.01 2.94 17.48
CA PRO A 2 14.41 3.26 16.18
C PRO A 2 14.68 4.69 15.85
N ALA A 3 14.66 4.99 14.56
CA ALA A 3 14.83 6.35 14.12
C ALA A 3 13.72 7.29 14.58
N PHE A 4 12.48 6.81 14.58
CA PHE A 4 11.37 7.63 15.03
C PHE A 4 10.51 6.71 15.86
N ASP A 5 10.71 6.66 17.20
N ASP A 5 10.65 6.92 17.18
CA ASP A 5 9.96 5.70 18.07
CA ASP A 5 10.04 6.06 18.18
C ASP A 5 8.62 6.33 18.53
C ASP A 5 8.67 6.54 18.58
N LYS A 6 7.88 6.94 17.59
CA LYS A 6 6.59 7.60 17.89
C LYS A 6 5.55 7.08 16.93
N PRO A 7 4.26 7.37 17.22
CA PRO A 7 3.19 6.86 16.34
C PRO A 7 3.39 7.28 14.88
N LYS A 8 3.11 6.31 13.99
CA LYS A 8 3.24 6.47 12.56
C LYS A 8 1.98 6.10 11.83
N VAL A 9 1.83 6.67 10.63
CA VAL A 9 0.73 6.36 9.74
C VAL A 9 1.34 5.78 8.48
N GLU A 10 0.83 4.64 8.02
CA GLU A 10 1.30 4.01 6.76
C GLU A 10 0.17 3.89 5.74
N LEU A 11 0.39 4.42 4.52
CA LEU A 11 -0.69 4.47 3.51
C LEU A 11 -0.42 3.56 2.32
N HIS A 12 0.81 3.02 2.21
CA HIS A 12 1.16 2.28 0.99
C HIS A 12 1.92 1.00 1.38
N VAL A 13 1.16 -0.07 1.56
CA VAL A 13 1.74 -1.35 1.96
C VAL A 13 0.80 -2.41 1.47
N HIS A 14 1.36 -3.45 0.85
CA HIS A 14 0.54 -4.49 0.19
C HIS A 14 0.44 -5.71 1.14
N LEU A 15 -0.78 -6.18 1.39
CA LEU A 15 -1.01 -7.31 2.29
C LEU A 15 -0.24 -8.53 1.80
N ASP A 16 -0.32 -8.81 0.50
CA ASP A 16 0.34 -9.99 -0.06
C ASP A 16 1.88 -9.84 -0.15
N GLY A 17 2.35 -8.63 0.10
CA GLY A 17 3.77 -8.36 0.23
C GLY A 17 4.26 -8.20 1.66
N SER A 18 3.46 -8.66 2.63
CA SER A 18 3.72 -8.43 4.06
C SER A 18 3.46 -9.68 4.89
N ILE A 19 3.34 -10.84 4.24
CA ILE A 19 2.97 -12.08 4.94
C ILE A 19 4.14 -12.62 5.79
N LYS A 20 3.84 -13.22 6.95
CA LYS A 20 4.92 -13.79 7.77
C LYS A 20 5.48 -15.06 7.13
N PRO A 21 6.81 -15.19 7.05
CA PRO A 21 7.37 -16.41 6.46
C PRO A 21 6.93 -17.69 7.20
N GLU A 22 6.79 -17.62 8.53
CA GLU A 22 6.32 -18.84 9.23
C GLU A 22 4.90 -19.21 8.82
N THR A 23 4.07 -18.20 8.52
CA THR A 23 2.70 -18.49 8.07
C THR A 23 2.70 -19.10 6.67
N ILE A 24 3.52 -18.58 5.75
CA ILE A 24 3.73 -19.23 4.45
C ILE A 24 4.14 -20.72 4.63
N LEU A 25 5.14 -20.96 5.46
CA LEU A 25 5.67 -22.30 5.66
C LEU A 25 4.57 -23.22 6.20
N TYR A 26 3.85 -22.71 7.20
CA TYR A 26 2.79 -23.51 7.82
C TYR A 26 1.72 -23.93 6.82
N TYR A 27 1.20 -22.98 6.04
CA TYR A 27 0.15 -23.33 5.07
C TYR A 27 0.66 -24.14 3.88
N GLY A 28 1.89 -23.88 3.43
CA GLY A 28 2.43 -24.76 2.38
C GLY A 28 2.42 -26.20 2.85
N ARG A 29 2.86 -26.43 4.09
CA ARG A 29 2.91 -27.81 4.61
C ARG A 29 1.48 -28.36 4.81
N ARG A 30 0.60 -27.55 5.41
N ARG A 30 0.61 -27.57 5.43
CA ARG A 30 -0.76 -27.99 5.75
CA ARG A 30 -0.73 -28.05 5.73
C ARG A 30 -1.59 -28.32 4.50
C ARG A 30 -1.44 -28.44 4.43
N ARG A 31 -1.32 -27.59 3.42
CA ARG A 31 -2.05 -27.79 2.15
C ARG A 31 -1.32 -28.65 1.13
N GLY A 32 -0.09 -29.07 1.43
CA GLY A 32 0.65 -29.91 0.51
C GLY A 32 1.05 -29.16 -0.75
N ILE A 33 1.38 -27.88 -0.59
CA ILE A 33 1.74 -27.01 -1.72
C ILE A 33 3.24 -26.69 -1.62
N ALA A 34 3.99 -27.09 -2.65
CA ALA A 34 5.44 -27.00 -2.60
C ALA A 34 5.94 -25.54 -2.56
N LEU A 35 6.98 -25.36 -1.74
CA LEU A 35 7.63 -24.08 -1.54
C LEU A 35 9.11 -24.27 -1.87
N PRO A 36 9.81 -23.15 -2.10
CA PRO A 36 11.20 -23.27 -2.55
C PRO A 36 12.19 -23.40 -1.40
N ALA A 37 11.70 -23.49 -0.15
CA ALA A 37 12.56 -23.72 0.97
C ALA A 37 11.72 -24.37 2.05
N ASN A 38 12.40 -24.97 3.03
CA ASN A 38 11.70 -25.70 4.07
C ASN A 38 11.83 -25.08 5.48
N THR A 39 12.35 -23.85 5.56
CA THR A 39 12.34 -23.07 6.79
C THR A 39 12.08 -21.62 6.43
N ALA A 40 11.70 -20.80 7.43
CA ALA A 40 11.47 -19.37 7.18
C ALA A 40 12.75 -18.69 6.72
N GLU A 41 13.88 -19.01 7.34
CA GLU A 41 15.18 -18.45 6.93
C GLU A 41 15.45 -18.79 5.46
N GLY A 42 15.20 -20.02 5.05
CA GLY A 42 15.43 -20.37 3.67
C GLY A 42 14.45 -19.68 2.75
N LEU A 43 13.20 -19.54 3.20
CA LEU A 43 12.23 -18.79 2.37
C LEU A 43 12.70 -17.37 2.16
N LEU A 44 13.16 -16.71 3.22
CA LEU A 44 13.62 -15.32 3.04
C LEU A 44 14.83 -15.27 2.12
N ASN A 45 15.70 -16.29 2.15
CA ASN A 45 16.82 -16.32 1.21
C ASN A 45 16.38 -16.35 -0.24
N VAL A 46 15.28 -17.03 -0.53
CA VAL A 46 14.77 -17.12 -1.89
C VAL A 46 13.95 -15.89 -2.28
N ILE A 47 13.06 -15.46 -1.38
CA ILE A 47 12.01 -14.49 -1.70
C ILE A 47 12.52 -13.06 -1.53
N GLY A 48 13.44 -12.88 -0.60
CA GLY A 48 13.93 -11.55 -0.24
C GLY A 48 14.86 -10.97 -1.28
N MET A 49 15.02 -9.65 -1.21
CA MET A 49 15.93 -8.92 -2.11
C MET A 49 16.97 -8.14 -1.28
N ASP A 50 18.26 -8.36 -1.51
CA ASP A 50 19.35 -7.56 -0.90
C ASP A 50 19.89 -6.45 -1.82
N LYS A 51 19.67 -6.59 -3.12
CA LYS A 51 20.20 -5.68 -4.14
C LYS A 51 19.12 -5.32 -5.14
N PRO A 52 19.29 -4.19 -5.82
CA PRO A 52 18.27 -3.71 -6.76
C PRO A 52 18.16 -4.66 -7.90
N LEU A 53 16.93 -4.94 -8.29
CA LEU A 53 16.77 -5.58 -9.56
C LEU A 53 15.95 -4.65 -10.46
N THR A 54 14.79 -5.14 -10.89
CA THR A 54 13.88 -4.35 -11.74
C THR A 54 12.48 -4.63 -11.21
N LEU A 55 11.49 -3.85 -11.64
CA LEU A 55 10.13 -4.08 -11.14
C LEU A 55 9.60 -5.48 -11.54
N PRO A 56 9.80 -5.89 -12.81
CA PRO A 56 9.34 -7.25 -13.10
C PRO A 56 10.07 -8.32 -12.28
N ASP A 57 11.36 -8.19 -12.04
CA ASP A 57 12.03 -9.22 -11.23
C ASP A 57 11.46 -9.25 -9.81
N PHE A 58 11.19 -8.06 -9.27
CA PHE A 58 10.48 -7.96 -8.00
C PHE A 58 9.12 -8.66 -8.02
N LEU A 59 8.32 -8.37 -9.04
CA LEU A 59 6.97 -8.93 -9.10
C LEU A 59 6.98 -10.45 -9.17
N ALA A 60 8.04 -10.99 -9.76
CA ALA A 60 8.18 -12.46 -9.86
C ALA A 60 8.37 -13.16 -8.52
N LYS A 61 8.75 -12.42 -7.48
CA LYS A 61 8.96 -13.05 -6.17
C LYS A 61 7.65 -13.61 -5.59
N PHE A 62 6.55 -13.00 -5.97
CA PHE A 62 5.25 -13.44 -5.47
C PHE A 62 4.95 -14.89 -5.85
N ASP A 63 5.44 -15.30 -7.02
CA ASP A 63 5.14 -16.66 -7.51
C ASP A 63 5.62 -17.75 -6.56
N TYR A 64 6.63 -17.43 -5.75
CA TYR A 64 7.20 -18.44 -4.85
C TYR A 64 6.28 -18.82 -3.73
N TYR A 65 5.49 -17.86 -3.25
CA TYR A 65 4.76 -18.09 -2.00
C TYR A 65 3.26 -17.89 -2.07
N MET A 66 2.78 -17.12 -3.04
CA MET A 66 1.35 -16.90 -3.12
C MET A 66 0.53 -18.20 -3.29
N PRO A 67 1.06 -19.22 -3.97
CA PRO A 67 0.28 -20.48 -4.05
C PRO A 67 -0.09 -21.04 -2.66
N ALA A 68 0.79 -20.86 -1.69
CA ALA A 68 0.51 -21.43 -0.36
C ALA A 68 -0.63 -20.73 0.40
N ILE A 69 -0.98 -19.51 -0.03
CA ILE A 69 -1.93 -18.68 0.70
C ILE A 69 -3.25 -18.48 -0.08
N ALA A 70 -3.12 -18.21 -1.38
CA ALA A 70 -4.29 -18.06 -2.24
C ALA A 70 -5.19 -19.28 -2.16
N GLY A 71 -6.50 -19.04 -2.15
CA GLY A 71 -7.45 -20.13 -2.19
C GLY A 71 -7.78 -20.71 -0.82
N CYS A 72 -7.10 -20.26 0.24
CA CYS A 72 -7.42 -20.79 1.57
C CYS A 72 -8.06 -19.74 2.47
N ARG A 73 -9.33 -19.93 2.81
CA ARG A 73 -10.08 -18.95 3.60
C ARG A 73 -9.43 -18.68 4.92
N GLU A 74 -8.89 -19.73 5.55
CA GLU A 74 -8.30 -19.57 6.87
C GLU A 74 -7.02 -18.76 6.79
N ALA A 75 -6.21 -19.07 5.79
CA ALA A 75 -4.94 -18.37 5.64
C ALA A 75 -5.21 -16.88 5.35
N ILE A 76 -6.21 -16.61 4.51
N ILE A 76 -6.22 -16.59 4.55
CA ILE A 76 -6.49 -15.23 4.12
CA ILE A 76 -6.44 -15.20 4.11
C ILE A 76 -6.84 -14.37 5.34
C ILE A 76 -6.95 -14.30 5.26
N LYS A 77 -7.82 -14.82 6.11
CA LYS A 77 -8.22 -14.06 7.28
C LYS A 77 -7.02 -13.91 8.21
N ARG A 78 -6.22 -14.97 8.35
CA ARG A 78 -5.09 -14.93 9.26
C ARG A 78 -4.03 -13.93 8.84
N ILE A 79 -3.70 -13.88 7.55
CA ILE A 79 -2.66 -12.90 7.16
C ILE A 79 -3.12 -11.48 7.41
N ALA A 80 -4.42 -11.20 7.30
CA ALA A 80 -4.94 -9.87 7.65
C ALA A 80 -4.76 -9.58 9.17
N TYR A 81 -5.15 -10.53 10.02
CA TYR A 81 -5.03 -10.41 11.48
C TYR A 81 -3.58 -10.21 11.86
N GLU A 82 -2.70 -11.07 11.34
CA GLU A 82 -1.25 -11.01 11.62
C GLU A 82 -0.63 -9.75 11.10
N PHE A 83 -1.18 -9.21 10.00
CA PHE A 83 -0.64 -7.95 9.47
C PHE A 83 -0.78 -6.81 10.47
N VAL A 84 -1.95 -6.73 11.13
CA VAL A 84 -2.17 -5.68 12.10
C VAL A 84 -1.26 -5.89 13.30
N GLU A 85 -1.17 -7.13 13.76
CA GLU A 85 -0.31 -7.42 14.92
C GLU A 85 1.12 -7.01 14.65
N MET A 86 1.63 -7.29 13.46
CA MET A 86 3.04 -6.97 13.17
C MET A 86 3.26 -5.47 12.98
N LYS A 87 2.29 -4.78 12.39
CA LYS A 87 2.45 -3.34 12.23
C LYS A 87 2.39 -2.61 13.59
N ALA A 88 1.67 -3.15 14.59
CA ALA A 88 1.70 -2.52 15.94
C ALA A 88 3.14 -2.43 16.42
N LYS A 89 3.97 -3.43 16.06
CA LYS A 89 5.36 -3.50 16.55
C LYS A 89 6.25 -2.44 15.92
N GLU A 90 5.76 -1.79 14.87
CA GLU A 90 6.52 -0.71 14.23
C GLU A 90 6.08 0.68 14.72
N GLY A 91 5.20 0.71 15.72
CA GLY A 91 4.70 1.98 16.22
C GLY A 91 3.62 2.55 15.31
N VAL A 92 3.02 1.73 14.44
CA VAL A 92 1.95 2.24 13.58
C VAL A 92 0.66 2.38 14.39
N VAL A 93 -0.09 3.45 14.13
CA VAL A 93 -1.40 3.64 14.77
C VAL A 93 -2.53 3.65 13.77
N TYR A 94 -2.22 3.88 12.48
CA TYR A 94 -3.21 3.79 11.41
C TYR A 94 -2.53 3.28 10.18
N VAL A 95 -3.15 2.28 9.51
CA VAL A 95 -2.59 1.71 8.28
C VAL A 95 -3.71 1.44 7.29
N GLU A 96 -3.44 1.81 6.03
CA GLU A 96 -4.28 1.37 4.90
C GLU A 96 -3.45 0.28 4.21
N VAL A 97 -4.00 -0.94 4.15
CA VAL A 97 -3.33 -2.06 3.53
C VAL A 97 -4.06 -2.46 2.25
N ARG A 98 -3.27 -2.63 1.19
CA ARG A 98 -3.85 -2.84 -0.15
C ARG A 98 -3.54 -4.24 -0.67
N TYR A 99 -4.43 -4.74 -1.53
CA TYR A 99 -4.23 -6.06 -2.14
C TYR A 99 -5.21 -6.24 -3.29
N SER A 100 -4.91 -7.20 -4.16
CA SER A 100 -5.84 -7.63 -5.19
C SER A 100 -6.65 -8.82 -4.69
N PRO A 101 -7.96 -8.68 -4.55
CA PRO A 101 -8.70 -9.84 -4.06
C PRO A 101 -8.68 -10.97 -5.07
N HIS A 102 -8.64 -10.63 -6.36
CA HIS A 102 -8.56 -11.63 -7.41
C HIS A 102 -7.36 -12.52 -7.22
N LEU A 103 -6.21 -11.95 -6.82
CA LEU A 103 -4.98 -12.74 -6.69
C LEU A 103 -5.00 -13.68 -5.49
N LEU A 104 -6.07 -13.63 -4.67
CA LEU A 104 -6.16 -14.56 -3.54
C LEU A 104 -7.30 -15.55 -3.72
N ALA A 105 -8.05 -15.41 -4.81
CA ALA A 105 -9.23 -16.25 -5.05
C ALA A 105 -8.88 -17.44 -5.94
N ASN A 106 -9.77 -18.42 -6.00
CA ASN A 106 -9.60 -19.53 -6.93
C ASN A 106 -10.85 -19.84 -7.75
N SER A 107 -11.76 -18.89 -7.83
N SER A 107 -11.77 -18.88 -7.82
CA SER A 107 -12.96 -19.00 -8.65
CA SER A 107 -13.05 -19.01 -8.54
C SER A 107 -13.48 -17.61 -8.92
C SER A 107 -13.50 -17.60 -8.90
N LYS A 108 -14.28 -17.48 -9.96
CA LYS A 108 -14.73 -16.16 -10.41
C LYS A 108 -13.55 -15.22 -10.65
N VAL A 109 -12.43 -15.75 -11.14
CA VAL A 109 -11.31 -14.91 -11.55
C VAL A 109 -10.75 -15.52 -12.82
N GLU A 110 -10.64 -14.72 -13.88
CA GLU A 110 -10.13 -15.20 -15.14
C GLU A 110 -8.92 -14.38 -15.55
N PRO A 111 -7.77 -15.03 -15.72
CA PRO A 111 -7.45 -16.44 -15.51
C PRO A 111 -7.25 -16.73 -14.03
N ILE A 112 -7.46 -17.98 -13.62
CA ILE A 112 -7.28 -18.32 -12.21
C ILE A 112 -5.78 -18.26 -11.91
N PRO A 113 -5.37 -17.55 -10.83
CA PRO A 113 -3.94 -17.27 -10.64
C PRO A 113 -3.18 -18.45 -10.00
N TRP A 114 -1.84 -18.40 -10.05
CA TRP A 114 -0.97 -19.31 -9.30
C TRP A 114 -1.18 -20.79 -9.64
N ASN A 115 -1.64 -21.06 -10.85
N ASN A 115 -1.66 -21.06 -10.85
CA ASN A 115 -1.86 -22.44 -11.30
CA ASN A 115 -1.85 -22.44 -11.31
C ASN A 115 -2.81 -23.22 -10.41
C ASN A 115 -2.86 -23.22 -10.48
N GLN A 116 -3.72 -22.52 -9.74
CA GLN A 116 -4.75 -23.21 -8.98
C GLN A 116 -5.80 -23.90 -9.83
N ALA A 117 -6.29 -25.03 -9.31
CA ALA A 117 -7.55 -25.59 -9.77
C ALA A 117 -8.70 -24.71 -9.30
N GLU A 118 -9.79 -24.66 -10.05
CA GLU A 118 -10.97 -23.91 -9.65
C GLU A 118 -11.49 -24.47 -8.34
N GLY A 119 -11.70 -23.55 -7.39
CA GLY A 119 -12.30 -23.89 -6.12
C GLY A 119 -13.60 -23.15 -5.86
N ASP A 120 -13.84 -22.84 -4.58
CA ASP A 120 -15.09 -22.23 -4.19
C ASP A 120 -14.85 -20.90 -3.51
N LEU A 121 -13.66 -20.33 -3.70
CA LEU A 121 -13.33 -19.04 -3.03
C LEU A 121 -13.29 -17.89 -4.05
N THR A 122 -14.24 -16.97 -3.96
CA THR A 122 -14.36 -15.90 -4.95
C THR A 122 -13.69 -14.63 -4.43
N PRO A 123 -13.41 -13.65 -5.32
CA PRO A 123 -12.80 -12.39 -4.85
C PRO A 123 -13.70 -11.68 -3.85
N ASP A 124 -15.01 -11.80 -4.00
CA ASP A 124 -15.93 -11.18 -3.09
C ASP A 124 -15.74 -11.73 -1.69
N GLU A 125 -15.63 -13.04 -1.57
CA GLU A 125 -15.45 -13.61 -0.22
C GLU A 125 -14.07 -13.29 0.32
N VAL A 126 -13.08 -13.18 -0.56
CA VAL A 126 -11.74 -12.77 -0.11
C VAL A 126 -11.85 -11.42 0.60
N VAL A 127 -12.55 -10.46 -0.01
CA VAL A 127 -12.67 -9.13 0.63
C VAL A 127 -13.37 -9.21 2.00
N ALA A 128 -14.45 -9.99 2.09
CA ALA A 128 -15.10 -10.19 3.37
C ALA A 128 -14.12 -10.73 4.41
N LEU A 129 -13.32 -11.74 4.04
CA LEU A 129 -12.39 -12.36 4.97
C LEU A 129 -11.28 -11.43 5.43
N VAL A 130 -10.69 -10.70 4.49
CA VAL A 130 -9.68 -9.74 4.88
C VAL A 130 -10.26 -8.67 5.83
N GLY A 131 -11.44 -8.16 5.52
CA GLY A 131 -12.04 -7.17 6.40
C GLY A 131 -12.23 -7.71 7.80
N GLN A 132 -12.66 -8.97 7.88
CA GLN A 132 -12.86 -9.57 9.21
C GLN A 132 -11.56 -9.70 10.00
N GLY A 133 -10.49 -10.15 9.32
CA GLY A 133 -9.21 -10.27 10.01
C GLY A 133 -8.68 -8.89 10.43
N LEU A 134 -8.89 -7.86 9.59
CA LEU A 134 -8.40 -6.51 9.95
C LEU A 134 -9.18 -5.99 11.15
N GLN A 135 -10.50 -6.20 11.16
N GLN A 135 -10.50 -6.20 11.14
CA GLN A 135 -11.32 -5.70 12.27
CA GLN A 135 -11.35 -5.74 12.24
C GLN A 135 -10.95 -6.38 13.58
C GLN A 135 -10.93 -6.38 13.56
N GLU A 136 -10.70 -7.69 13.54
CA GLU A 136 -10.33 -8.39 14.76
C GLU A 136 -8.92 -7.95 15.21
N GLY A 137 -8.02 -7.74 14.25
CA GLY A 137 -6.69 -7.24 14.61
C GLY A 137 -6.72 -5.85 15.21
N GLU A 138 -7.55 -4.99 14.63
CA GLU A 138 -7.70 -3.64 15.19
C GLU A 138 -8.20 -3.69 16.62
N ARG A 139 -9.17 -4.57 16.87
CA ARG A 139 -9.70 -4.72 18.23
C ARG A 139 -8.61 -5.25 19.19
N ASP A 140 -7.86 -6.26 18.76
CA ASP A 140 -6.89 -6.90 19.66
C ASP A 140 -5.59 -6.15 19.83
N PHE A 141 -5.19 -5.41 18.80
CA PHE A 141 -3.86 -4.82 18.78
C PHE A 141 -3.80 -3.30 18.80
N GLY A 142 -4.94 -2.62 18.71
CA GLY A 142 -4.98 -1.20 18.94
C GLY A 142 -4.50 -0.34 17.79
N VAL A 143 -4.44 -0.92 16.58
CA VAL A 143 -4.02 -0.22 15.39
C VAL A 143 -5.22 -0.14 14.47
N LYS A 144 -5.62 1.08 14.09
CA LYS A 144 -6.77 1.19 13.20
C LYS A 144 -6.34 0.78 11.80
N ALA A 145 -7.12 -0.08 11.17
CA ALA A 145 -6.69 -0.72 9.91
C ALA A 145 -7.79 -0.68 8.89
N ARG A 146 -7.47 -0.14 7.71
CA ARG A 146 -8.45 -0.08 6.63
C ARG A 146 -7.81 -0.68 5.41
N SER A 147 -8.61 -0.96 4.37
CA SER A 147 -8.12 -1.69 3.20
C SER A 147 -8.37 -0.94 1.91
N ILE A 148 -7.52 -1.25 0.93
CA ILE A 148 -7.59 -0.68 -0.43
C ILE A 148 -7.54 -1.82 -1.39
N LEU A 149 -8.48 -1.83 -2.36
CA LEU A 149 -8.53 -2.96 -3.32
C LEU A 149 -7.84 -2.56 -4.60
N CYS A 150 -6.87 -3.37 -5.06
CA CYS A 150 -6.10 -3.08 -6.28
C CYS A 150 -6.69 -3.64 -7.57
N CYS A 151 -6.96 -2.75 -8.53
CA CYS A 151 -6.96 -3.17 -9.93
C CYS A 151 -5.52 -3.50 -10.29
N MET A 152 -5.35 -4.39 -11.27
CA MET A 152 -4.01 -4.76 -11.74
C MET A 152 -3.86 -4.36 -13.21
N ARG A 153 -2.75 -3.70 -13.57
CA ARG A 153 -2.66 -3.10 -14.89
C ARG A 153 -2.89 -4.07 -16.03
N HIS A 154 -2.43 -5.31 -15.87
CA HIS A 154 -2.54 -6.29 -16.97
C HIS A 154 -3.91 -6.98 -17.02
N GLN A 155 -4.81 -6.67 -16.09
CA GLN A 155 -6.14 -7.28 -16.06
C GLN A 155 -7.26 -6.26 -15.97
N PRO A 156 -7.45 -5.44 -17.02
CA PRO A 156 -8.58 -4.50 -16.99
C PRO A 156 -9.96 -5.20 -16.84
N ASN A 157 -10.07 -6.48 -17.25
CA ASN A 157 -11.30 -7.23 -17.01
C ASN A 157 -11.71 -7.30 -15.54
N TRP A 158 -10.71 -7.25 -14.62
CA TRP A 158 -11.04 -7.35 -13.16
C TRP A 158 -11.53 -6.04 -12.55
N SER A 159 -11.24 -4.93 -13.23
CA SER A 159 -11.45 -3.63 -12.61
C SER A 159 -12.92 -3.31 -12.29
N PRO A 160 -13.90 -3.68 -13.16
CA PRO A 160 -15.31 -3.41 -12.76
C PRO A 160 -15.64 -4.09 -11.43
N LYS A 161 -15.15 -5.32 -11.24
CA LYS A 161 -15.45 -6.04 -10.02
C LYS A 161 -14.74 -5.39 -8.82
N VAL A 162 -13.52 -4.89 -9.04
CA VAL A 162 -12.83 -4.21 -7.94
C VAL A 162 -13.62 -3.02 -7.41
N VAL A 163 -14.11 -2.13 -8.30
CA VAL A 163 -14.85 -0.98 -7.78
C VAL A 163 -16.20 -1.42 -7.20
N GLU A 164 -16.84 -2.44 -7.79
CA GLU A 164 -18.05 -3.01 -7.21
C GLU A 164 -17.80 -3.44 -5.77
N LEU A 165 -16.69 -4.12 -5.54
CA LEU A 165 -16.36 -4.60 -4.21
C LEU A 165 -16.01 -3.46 -3.26
N CYS A 166 -15.32 -2.41 -3.75
CA CYS A 166 -15.09 -1.24 -2.90
C CYS A 166 -16.42 -0.68 -2.42
N LYS A 167 -17.40 -0.63 -3.32
CA LYS A 167 -18.73 -0.12 -2.93
C LYS A 167 -19.44 -1.06 -1.95
N LYS A 168 -19.38 -2.36 -2.20
CA LYS A 168 -20.05 -3.34 -1.35
C LYS A 168 -19.50 -3.43 0.06
N TYR A 169 -18.19 -3.25 0.17
CA TYR A 169 -17.49 -3.47 1.43
C TYR A 169 -17.00 -2.18 2.07
N GLN A 170 -17.56 -1.05 1.68
CA GLN A 170 -17.12 0.23 2.20
C GLN A 170 -17.37 0.39 3.70
N GLN A 171 -18.27 -0.38 4.30
CA GLN A 171 -18.43 -0.36 5.77
C GLN A 171 -17.81 -1.58 6.44
N GLN A 172 -17.00 -2.33 5.67
CA GLN A 172 -16.21 -3.45 6.19
C GLN A 172 -14.73 -3.26 5.85
N THR A 173 -14.28 -2.05 6.11
CA THR A 173 -12.89 -1.59 6.07
C THR A 173 -12.40 -1.03 4.74
N VAL A 174 -13.12 -1.25 3.63
CA VAL A 174 -12.55 -0.81 2.35
C VAL A 174 -12.73 0.71 2.17
N VAL A 175 -11.62 1.41 1.96
CA VAL A 175 -11.69 2.88 1.85
C VAL A 175 -11.30 3.43 0.50
N ALA A 176 -10.77 2.61 -0.38
CA ALA A 176 -10.30 3.14 -1.65
C ALA A 176 -9.99 2.06 -2.66
N ILE A 177 -9.80 2.52 -3.89
CA ILE A 177 -9.34 1.71 -5.02
C ILE A 177 -7.92 2.12 -5.43
N ASP A 178 -7.13 1.13 -5.90
CA ASP A 178 -5.74 1.36 -6.36
C ASP A 178 -5.59 0.69 -7.74
N LEU A 179 -4.48 1.03 -8.37
CA LEU A 179 -4.04 0.39 -9.62
C LEU A 179 -2.57 0.07 -9.45
N ALA A 180 -2.23 -1.21 -9.55
CA ALA A 180 -0.90 -1.70 -9.29
C ALA A 180 -0.47 -2.62 -10.45
N GLY A 181 0.69 -3.25 -10.30
CA GLY A 181 1.21 -4.12 -11.35
C GLY A 181 2.29 -3.42 -12.16
N ASP A 182 2.51 -3.93 -13.37
CA ASP A 182 3.64 -3.46 -14.18
C ASP A 182 3.30 -2.18 -14.92
N GLU A 183 3.87 -1.08 -14.43
CA GLU A 183 3.59 0.25 -14.93
C GLU A 183 4.04 0.51 -16.39
N THR A 184 4.93 -0.34 -16.91
CA THR A 184 5.42 -0.15 -18.28
C THR A 184 4.48 -0.57 -19.43
N ILE A 185 3.41 -1.29 -19.12
CA ILE A 185 2.51 -1.74 -20.18
C ILE A 185 1.99 -0.53 -20.94
N PRO A 186 2.23 -0.48 -22.26
CA PRO A 186 1.87 0.75 -22.98
C PRO A 186 0.38 0.96 -22.99
N GLY A 187 -0.02 2.20 -22.65
CA GLY A 187 -1.39 2.61 -22.61
C GLY A 187 -2.19 1.93 -21.50
N SER A 188 -1.52 1.31 -20.54
CA SER A 188 -2.28 0.52 -19.57
C SER A 188 -3.23 1.43 -18.74
N SER A 189 -2.82 2.67 -18.48
CA SER A 189 -3.71 3.57 -17.71
C SER A 189 -5.02 3.84 -18.44
N LEU A 190 -5.01 3.70 -19.77
CA LEU A 190 -6.16 4.11 -20.58
C LEU A 190 -7.05 2.95 -20.98
N LEU A 191 -6.72 1.73 -20.53
CA LEU A 191 -7.58 0.60 -20.87
C LEU A 191 -8.97 0.84 -20.31
N PRO A 192 -10.02 0.65 -21.13
CA PRO A 192 -11.36 1.03 -20.68
C PRO A 192 -11.79 0.46 -19.33
N GLY A 193 -11.46 -0.80 -19.02
CA GLY A 193 -11.85 -1.36 -17.72
C GLY A 193 -11.33 -0.52 -16.57
N HIS A 194 -10.09 -0.08 -16.68
CA HIS A 194 -9.50 0.75 -15.61
C HIS A 194 -10.15 2.13 -15.59
N VAL A 195 -10.26 2.78 -16.76
CA VAL A 195 -10.78 4.16 -16.79
C VAL A 195 -12.21 4.18 -16.29
N GLN A 196 -13.00 3.20 -16.71
CA GLN A 196 -14.40 3.16 -16.30
C GLN A 196 -14.53 2.87 -14.82
N ALA A 197 -13.64 2.03 -14.26
CA ALA A 197 -13.68 1.76 -12.80
C ALA A 197 -13.39 3.03 -12.00
N TYR A 198 -12.41 3.82 -12.45
CA TYR A 198 -12.08 5.06 -11.76
C TYR A 198 -13.19 6.11 -11.92
N GLN A 199 -13.86 6.15 -13.07
N GLN A 199 -13.84 6.12 -13.10
CA GLN A 199 -14.97 7.09 -13.20
CA GLN A 199 -14.97 7.03 -13.33
C GLN A 199 -16.11 6.69 -12.27
C GLN A 199 -16.11 6.68 -12.35
N GLU A 200 -16.34 5.38 -12.18
CA GLU A 200 -17.36 4.90 -11.26
C GLU A 200 -16.94 5.23 -9.82
N ALA A 201 -15.64 5.12 -9.51
CA ALA A 201 -15.18 5.56 -8.20
C ALA A 201 -15.45 7.05 -7.91
N VAL A 202 -15.15 7.90 -8.88
CA VAL A 202 -15.45 9.32 -8.69
C VAL A 202 -16.95 9.54 -8.48
N LYS A 203 -17.74 8.97 -9.39
CA LYS A 203 -19.20 9.11 -9.24
C LYS A 203 -19.71 8.67 -7.87
N SER A 204 -19.20 7.53 -7.37
CA SER A 204 -19.72 6.90 -6.16
C SER A 204 -19.02 7.30 -4.87
N GLY A 205 -18.04 8.20 -4.97
CA GLY A 205 -17.35 8.66 -3.78
C GLY A 205 -16.41 7.61 -3.19
N ILE A 206 -15.81 6.80 -4.05
CA ILE A 206 -14.78 5.84 -3.62
C ILE A 206 -13.41 6.51 -3.80
N HIS A 207 -12.63 6.64 -2.73
CA HIS A 207 -11.34 7.28 -2.83
C HIS A 207 -10.41 6.56 -3.79
N ARG A 208 -9.41 7.28 -4.30
CA ARG A 208 -8.59 6.81 -5.40
C ARG A 208 -7.11 7.06 -5.17
N THR A 209 -6.32 5.98 -5.28
CA THR A 209 -4.86 6.10 -5.37
C THR A 209 -4.42 5.32 -6.62
N VAL A 210 -3.25 5.63 -7.16
CA VAL A 210 -2.73 4.92 -8.35
C VAL A 210 -1.23 4.82 -8.26
N HIS A 211 -0.68 3.62 -8.50
CA HIS A 211 0.77 3.50 -8.61
C HIS A 211 1.21 4.17 -9.90
N ALA A 212 2.05 5.19 -9.84
CA ALA A 212 2.52 5.84 -11.06
C ALA A 212 3.78 6.62 -10.80
N GLY A 213 4.70 6.59 -11.74
CA GLY A 213 5.94 7.33 -11.58
C GLY A 213 6.94 6.55 -10.76
N GLU A 214 6.67 5.25 -10.55
CA GLU A 214 7.55 4.42 -9.75
C GLU A 214 8.69 4.08 -10.67
N VAL A 215 8.37 3.41 -11.77
CA VAL A 215 9.35 3.21 -12.82
C VAL A 215 8.90 3.79 -14.17
N GLY A 216 7.66 4.31 -14.22
CA GLY A 216 7.13 4.90 -15.44
C GLY A 216 7.45 6.39 -15.46
N SER A 217 7.36 7.03 -16.63
CA SER A 217 7.72 8.44 -16.76
C SER A 217 6.67 9.37 -16.17
N ALA A 218 6.93 10.67 -16.25
CA ALA A 218 5.97 11.63 -15.74
C ALA A 218 4.66 11.54 -16.55
N GLU A 219 4.69 10.97 -17.75
CA GLU A 219 3.44 10.85 -18.51
C GLU A 219 2.42 9.89 -17.85
N VAL A 220 2.94 8.82 -17.21
CA VAL A 220 2.06 7.90 -16.50
C VAL A 220 1.44 8.58 -15.29
N VAL A 221 2.22 9.49 -14.68
CA VAL A 221 1.68 10.25 -13.57
C VAL A 221 0.54 11.15 -14.08
N LYS A 222 0.77 11.83 -15.21
CA LYS A 222 -0.32 12.62 -15.80
C LYS A 222 -1.58 11.84 -16.07
N GLU A 223 -1.44 10.63 -16.60
CA GLU A 223 -2.59 9.80 -16.83
C GLU A 223 -3.32 9.53 -15.51
N ALA A 224 -2.55 9.25 -14.46
CA ALA A 224 -3.16 8.93 -13.16
C ALA A 224 -3.97 10.11 -12.63
N VAL A 225 -3.42 11.30 -12.80
CA VAL A 225 -4.02 12.51 -12.29
C VAL A 225 -5.18 13.00 -13.16
N ASP A 226 -4.95 13.07 -14.47
CA ASP A 226 -5.90 13.69 -15.39
C ASP A 226 -6.96 12.76 -15.94
N ILE A 227 -6.61 11.49 -16.14
CA ILE A 227 -7.56 10.54 -16.69
C ILE A 227 -8.23 9.69 -15.59
N LEU A 228 -7.44 9.18 -14.64
CA LEU A 228 -7.99 8.36 -13.56
C LEU A 228 -8.44 9.18 -12.35
N LYS A 229 -8.11 10.48 -12.33
CA LYS A 229 -8.59 11.37 -11.28
C LYS A 229 -8.09 10.91 -9.93
N THR A 230 -6.82 10.48 -9.88
CA THR A 230 -6.33 9.96 -8.58
C THR A 230 -6.22 11.07 -7.54
N GLU A 231 -6.40 10.69 -6.27
CA GLU A 231 -6.22 11.64 -5.17
C GLU A 231 -4.86 11.56 -4.50
N ARG A 232 -4.17 10.41 -4.67
CA ARG A 232 -2.82 10.21 -4.13
C ARG A 232 -2.02 9.46 -5.18
N LEU A 233 -0.69 9.59 -5.12
CA LEU A 233 0.18 8.85 -6.05
C LEU A 233 0.95 7.80 -5.27
N GLY A 234 0.91 6.54 -5.73
CA GLY A 234 1.80 5.55 -5.14
C GLY A 234 3.15 5.75 -5.79
N HIS A 235 4.15 6.03 -4.96
CA HIS A 235 5.52 6.31 -5.39
C HIS A 235 5.62 7.72 -5.98
N GLY A 236 5.34 7.88 -7.27
CA GLY A 236 5.29 9.22 -7.85
C GLY A 236 6.65 9.87 -8.08
N TYR A 237 7.75 9.11 -7.96
CA TYR A 237 9.08 9.75 -7.96
C TYR A 237 9.31 10.50 -9.25
N HIS A 238 8.94 9.89 -10.37
CA HIS A 238 9.28 10.48 -11.65
C HIS A 238 8.48 11.74 -12.01
N THR A 239 7.52 12.11 -11.15
CA THR A 239 6.90 13.44 -11.23
C THR A 239 7.97 14.51 -11.32
N LEU A 240 9.06 14.32 -10.60
CA LEU A 240 10.15 15.33 -10.60
C LEU A 240 10.98 15.38 -11.89
N GLU A 241 10.69 14.53 -12.88
CA GLU A 241 11.26 14.69 -14.23
C GLU A 241 10.70 15.97 -14.85
N ASP A 242 9.58 16.46 -14.33
CA ASP A 242 8.77 17.44 -15.03
C ASP A 242 8.43 18.54 -14.03
N GLN A 243 9.18 19.64 -14.08
CA GLN A 243 9.03 20.67 -13.05
C GLN A 243 7.65 21.30 -13.05
N ALA A 244 7.07 21.48 -14.25
CA ALA A 244 5.73 22.08 -14.33
C ALA A 244 4.68 21.15 -13.73
N LEU A 245 4.79 19.85 -14.01
CA LEU A 245 3.83 18.90 -13.45
C LEU A 245 3.94 18.88 -11.92
N TYR A 246 5.18 18.83 -11.41
CA TYR A 246 5.39 18.87 -9.97
C TYR A 246 4.77 20.13 -9.34
N ASN A 247 4.99 21.29 -9.97
CA ASN A 247 4.37 22.51 -9.47
C ASN A 247 2.83 22.40 -9.40
N ARG A 248 2.21 21.92 -10.48
N ARG A 248 2.22 21.93 -10.48
CA ARG A 248 0.76 21.81 -10.51
CA ARG A 248 0.77 21.78 -10.54
C ARG A 248 0.25 20.85 -9.45
C ARG A 248 0.32 20.90 -9.38
N LEU A 249 1.00 19.77 -9.21
CA LEU A 249 0.59 18.80 -8.16
C LEU A 249 0.78 19.36 -6.77
N ARG A 250 1.84 20.12 -6.57
CA ARG A 250 2.05 20.77 -5.28
C ARG A 250 0.92 21.75 -5.03
N GLN A 251 0.54 22.50 -6.06
CA GLN A 251 -0.53 23.48 -5.92
C GLN A 251 -1.86 22.86 -5.53
N GLU A 252 -2.09 21.62 -5.95
CA GLU A 252 -3.33 20.91 -5.66
C GLU A 252 -3.17 20.04 -4.43
N ASN A 253 -2.04 20.16 -3.74
CA ASN A 253 -1.82 19.37 -2.50
C ASN A 253 -1.87 17.87 -2.70
N MET A 254 -1.42 17.43 -3.85
CA MET A 254 -1.33 16.01 -4.11
C MET A 254 -0.50 15.30 -3.05
N HIS A 255 -0.96 14.14 -2.57
CA HIS A 255 -0.18 13.34 -1.62
C HIS A 255 0.68 12.32 -2.35
N PHE A 256 1.96 12.27 -2.01
CA PHE A 256 2.89 11.28 -2.58
C PHE A 256 3.15 10.19 -1.55
N GLU A 257 2.87 8.95 -1.92
CA GLU A 257 3.07 7.84 -1.00
C GLU A 257 4.47 7.31 -1.26
N ILE A 258 5.43 7.82 -0.49
CA ILE A 258 6.86 7.55 -0.79
C ILE A 258 7.33 6.27 -0.09
N CYS A 259 8.11 5.47 -0.81
CA CYS A 259 8.60 4.18 -0.29
C CYS A 259 10.11 4.13 -0.50
N PRO A 260 10.88 4.72 0.43
CA PRO A 260 12.31 4.89 0.11
C PRO A 260 13.10 3.59 -0.15
N TRP A 261 13.01 2.62 0.74
CA TRP A 261 13.81 1.40 0.59
C TRP A 261 13.27 0.56 -0.58
N SER A 262 11.94 0.43 -0.72
CA SER A 262 11.36 -0.19 -1.89
C SER A 262 11.95 0.41 -3.17
N SER A 263 11.98 1.73 -3.24
CA SER A 263 12.40 2.42 -4.47
C SER A 263 13.85 2.06 -4.82
N TYR A 264 14.69 1.75 -3.82
CA TYR A 264 16.04 1.28 -4.10
C TYR A 264 16.02 -0.14 -4.66
N LEU A 265 15.31 -1.04 -3.99
CA LEU A 265 15.38 -2.44 -4.39
C LEU A 265 14.71 -2.77 -5.73
N THR A 266 13.72 -1.98 -6.15
CA THR A 266 13.12 -2.20 -7.46
C THR A 266 13.84 -1.48 -8.58
N GLY A 267 14.81 -0.63 -8.21
CA GLY A 267 15.56 0.12 -9.21
C GLY A 267 14.84 1.40 -9.63
N ALA A 268 13.70 1.67 -9.00
CA ALA A 268 12.94 2.89 -9.27
C ALA A 268 13.80 4.13 -8.99
N TRP A 269 14.61 4.04 -7.94
CA TRP A 269 15.54 5.12 -7.57
C TRP A 269 16.97 4.57 -7.59
N LYS A 270 17.86 5.22 -8.36
CA LYS A 270 19.26 4.82 -8.40
C LYS A 270 20.03 5.54 -7.30
N PRO A 271 20.85 4.79 -6.54
CA PRO A 271 21.40 5.37 -5.30
C PRO A 271 22.50 6.42 -5.51
N ASP A 272 22.94 6.61 -6.75
CA ASP A 272 23.86 7.72 -7.05
C ASP A 272 23.08 8.95 -7.55
N THR A 273 21.80 9.01 -7.24
CA THR A 273 21.02 10.22 -7.49
C THR A 273 20.39 10.60 -6.19
N GLU A 274 20.02 11.86 -6.05
CA GLU A 274 19.33 12.30 -4.84
C GLU A 274 17.87 11.82 -4.87
N HIS A 275 17.45 11.21 -3.78
CA HIS A 275 16.09 10.72 -3.72
C HIS A 275 15.06 11.84 -3.85
N ALA A 276 13.98 11.57 -4.58
CA ALA A 276 12.88 12.51 -4.74
C ALA A 276 12.33 13.03 -3.39
N VAL A 277 12.36 12.21 -2.35
CA VAL A 277 11.78 12.64 -1.09
C VAL A 277 12.52 13.82 -0.47
N ILE A 278 13.78 14.03 -0.88
CA ILE A 278 14.53 15.18 -0.35
C ILE A 278 13.91 16.49 -0.86
N ARG A 279 13.59 16.54 -2.14
CA ARG A 279 12.89 17.72 -2.71
C ARG A 279 11.53 17.92 -2.03
N LEU A 280 10.77 16.83 -1.84
CA LEU A 280 9.49 16.95 -1.15
C LEU A 280 9.64 17.51 0.27
N LYS A 281 10.64 17.01 0.99
CA LYS A 281 10.90 17.53 2.33
C LYS A 281 11.28 19.02 2.27
N ASN A 282 12.23 19.38 1.40
CA ASN A 282 12.70 20.78 1.35
C ASN A 282 11.58 21.75 0.94
N ASP A 283 10.70 21.28 0.07
CA ASP A 283 9.56 22.08 -0.39
C ASP A 283 8.34 22.00 0.54
N GLN A 284 8.47 21.22 1.63
CA GLN A 284 7.38 20.98 2.57
C GLN A 284 6.11 20.51 1.86
N ALA A 285 6.32 19.54 0.98
CA ALA A 285 5.22 18.93 0.25
C ALA A 285 4.47 17.90 1.11
N ASN A 286 3.41 17.35 0.53
CA ASN A 286 2.50 16.44 1.24
C ASN A 286 2.86 14.99 0.85
N TYR A 287 3.45 14.26 1.81
CA TYR A 287 3.90 12.89 1.53
C TYR A 287 3.96 12.08 2.79
N SER A 288 4.00 10.75 2.60
CA SER A 288 4.09 9.76 3.69
C SER A 288 5.26 8.83 3.42
N LEU A 289 5.73 8.13 4.46
CA LEU A 289 6.81 7.13 4.33
C LEU A 289 6.21 5.76 4.56
N ASN A 290 6.58 4.82 3.71
CA ASN A 290 5.88 3.54 3.59
C ASN A 290 6.80 2.39 3.21
N THR A 291 6.46 1.19 3.66
CA THR A 291 7.27 0.00 3.36
C THR A 291 6.98 -0.70 2.05
N ASP A 292 5.75 -0.58 1.51
CA ASP A 292 5.35 -1.17 0.22
C ASP A 292 5.24 -2.69 0.28
N ASP A 293 6.37 -3.41 0.26
CA ASP A 293 6.34 -4.87 0.30
C ASP A 293 7.42 -5.40 1.25
N PRO A 294 7.19 -5.23 2.55
CA PRO A 294 8.27 -5.49 3.54
C PRO A 294 8.73 -6.94 3.60
N LEU A 295 7.88 -7.89 3.19
CA LEU A 295 8.30 -9.30 3.24
C LEU A 295 9.49 -9.43 2.30
N ILE A 296 9.31 -8.94 1.08
CA ILE A 296 10.30 -9.14 0.00
C ILE A 296 11.51 -8.19 0.24
N PHE A 297 11.23 -6.99 0.72
CA PHE A 297 12.29 -6.02 0.95
C PHE A 297 13.01 -6.25 2.30
N LYS A 298 12.52 -7.23 3.06
CA LYS A 298 13.10 -7.58 4.37
C LYS A 298 13.18 -6.37 5.28
N SER A 299 12.04 -5.67 5.38
CA SER A 299 12.05 -4.36 6.01
C SER A 299 10.89 -4.14 6.97
N THR A 300 11.02 -3.07 7.76
CA THR A 300 9.97 -2.52 8.58
C THR A 300 9.98 -1.01 8.35
N LEU A 301 9.01 -0.27 8.90
CA LEU A 301 9.06 1.17 8.72
C LEU A 301 10.34 1.77 9.25
N ASP A 302 10.95 1.14 10.28
CA ASP A 302 12.22 1.65 10.75
C ASP A 302 13.29 1.63 9.66
N THR A 303 13.22 0.68 8.72
CA THR A 303 14.20 0.66 7.63
C THR A 303 14.11 1.99 6.85
N ASP A 304 12.88 2.44 6.54
CA ASP A 304 12.69 3.67 5.78
C ASP A 304 12.97 4.91 6.59
N TYR A 305 12.56 4.93 7.87
CA TYR A 305 12.85 6.07 8.73
C TYR A 305 14.37 6.19 8.99
N GLN A 306 15.05 5.06 9.21
CA GLN A 306 16.47 5.12 9.48
C GLN A 306 17.20 5.57 8.21
N MET A 307 16.75 5.11 7.04
CA MET A 307 17.44 5.56 5.82
C MET A 307 17.32 7.07 5.65
N THR A 308 16.12 7.62 5.84
CA THR A 308 15.93 9.05 5.62
C THR A 308 16.64 9.84 6.73
N LYS A 309 16.63 9.32 7.95
CA LYS A 309 17.35 10.01 9.03
C LYS A 309 18.85 9.99 8.82
N ARG A 310 19.40 8.81 8.58
CA ARG A 310 20.86 8.66 8.52
C ARG A 310 21.43 9.31 7.28
N ASP A 311 20.81 9.04 6.15
CA ASP A 311 21.37 9.54 4.89
C ASP A 311 20.82 10.87 4.38
N MET A 312 19.64 11.28 4.84
CA MET A 312 18.97 12.43 4.23
C MET A 312 18.66 13.54 5.21
N GLY A 313 19.18 13.44 6.41
CA GLY A 313 19.04 14.50 7.40
C GLY A 313 17.61 14.76 7.85
N PHE A 314 16.73 13.77 7.73
CA PHE A 314 15.39 13.98 8.24
C PHE A 314 15.42 14.09 9.75
N THR A 315 14.63 15.02 10.26
CA THR A 315 14.59 15.32 11.68
C THR A 315 13.28 14.82 12.26
N GLU A 316 13.23 14.76 13.59
CA GLU A 316 12.01 14.41 14.29
C GLU A 316 10.84 15.32 13.87
N GLU A 317 11.10 16.61 13.72
N GLU A 317 11.11 16.61 13.73
CA GLU A 317 10.05 17.54 13.35
CA GLU A 317 10.06 17.53 13.34
C GLU A 317 9.45 17.20 11.98
C GLU A 317 9.44 17.15 12.00
N GLU A 318 10.30 16.75 11.05
CA GLU A 318 9.82 16.40 9.72
C GLU A 318 9.03 15.09 9.78
N PHE A 319 9.50 14.16 10.60
CA PHE A 319 8.77 12.90 10.75
C PHE A 319 7.38 13.17 11.34
N LYS A 320 7.28 14.06 12.32
CA LYS A 320 5.97 14.40 12.85
C LYS A 320 5.11 15.05 11.79
N ARG A 321 5.69 16.02 11.08
CA ARG A 321 4.96 16.74 10.03
C ARG A 321 4.39 15.79 8.96
N LEU A 322 5.21 14.86 8.51
CA LEU A 322 4.76 14.03 7.39
C LEU A 322 3.67 13.04 7.87
N ASN A 323 3.75 12.55 9.11
CA ASN A 323 2.67 11.70 9.63
C ASN A 323 1.37 12.45 9.83
N ILE A 324 1.44 13.73 10.21
CA ILE A 324 0.22 14.52 10.26
C ILE A 324 -0.38 14.68 8.83
N ASN A 325 0.47 14.92 7.86
CA ASN A 325 -0.01 14.98 6.45
C ASN A 325 -0.57 13.66 6.00
N ALA A 326 0.05 12.56 6.42
CA ALA A 326 -0.50 11.27 6.05
C ALA A 326 -1.88 11.06 6.64
N ALA A 327 -2.09 11.49 7.89
CA ALA A 327 -3.41 11.36 8.47
C ALA A 327 -4.40 12.26 7.72
N LYS A 328 -3.98 13.49 7.41
CA LYS A 328 -4.87 14.39 6.66
C LYS A 328 -5.23 13.86 5.28
N SER A 329 -4.30 13.12 4.68
CA SER A 329 -4.50 12.60 3.32
C SER A 329 -5.03 11.15 3.33
N SER A 330 -5.28 10.59 4.52
CA SER A 330 -5.87 9.25 4.62
C SER A 330 -7.25 9.23 3.98
N PHE A 331 -7.72 8.01 3.78
CA PHE A 331 -9.01 7.84 3.16
C PHE A 331 -10.11 7.54 4.18
N LEU A 332 -9.84 7.89 5.45
CA LEU A 332 -10.86 7.84 6.51
C LEU A 332 -11.95 8.88 6.28
N PRO A 333 -13.17 8.59 6.78
CA PRO A 333 -14.18 9.65 6.89
C PRO A 333 -13.59 10.79 7.76
N GLU A 334 -14.10 11.99 7.61
CA GLU A 334 -13.55 13.13 8.33
C GLU A 334 -13.59 12.98 9.84
N ASP A 335 -14.64 12.39 10.43
CA ASP A 335 -14.66 12.24 11.87
C ASP A 335 -13.47 11.38 12.37
N GLU A 336 -13.24 10.26 11.71
CA GLU A 336 -12.13 9.40 12.10
C GLU A 336 -10.78 10.05 11.78
N LYS A 337 -10.72 10.87 10.73
CA LYS A 337 -9.51 11.67 10.49
C LYS A 337 -9.21 12.58 11.67
N ARG A 338 -10.26 13.27 12.14
CA ARG A 338 -10.07 14.17 13.29
C ARG A 338 -9.59 13.40 14.53
N GLU A 339 -10.16 12.24 14.75
CA GLU A 339 -9.77 11.36 15.84
C GLU A 339 -8.30 10.91 15.71
N LEU A 340 -7.90 10.54 14.50
CA LEU A 340 -6.51 10.13 14.25
C LEU A 340 -5.56 11.30 14.47
N LEU A 341 -5.94 12.46 13.95
CA LEU A 341 -5.08 13.63 14.14
C LEU A 341 -4.96 13.95 15.64
N ASP A 342 -6.08 13.83 16.37
CA ASP A 342 -6.04 14.17 17.78
C ASP A 342 -5.07 13.22 18.50
N LEU A 343 -5.09 11.96 18.10
CA LEU A 343 -4.22 10.96 18.72
C LEU A 343 -2.75 11.33 18.44
N LEU A 344 -2.46 11.74 17.21
CA LEU A 344 -1.11 12.16 16.87
C LEU A 344 -0.68 13.44 17.60
N TYR A 345 -1.55 14.46 17.65
CA TYR A 345 -1.20 15.67 18.38
C TYR A 345 -0.84 15.34 19.80
N LYS A 346 -1.68 14.52 20.43
CA LYS A 346 -1.44 14.14 21.83
C LYS A 346 -0.12 13.39 21.98
N ALA A 347 0.16 12.44 21.08
CA ALA A 347 1.41 11.69 21.17
C ALA A 347 2.63 12.58 20.97
N TYR A 348 2.46 13.58 20.11
CA TYR A 348 3.56 14.47 19.67
C TYR A 348 3.75 15.69 20.58
N GLY A 349 2.86 15.81 21.57
CA GLY A 349 2.87 16.96 22.48
C GLY A 349 2.48 18.30 21.84
N MET A 350 1.64 18.24 20.81
CA MET A 350 1.13 19.46 20.17
C MET A 350 -0.25 19.74 20.77
N PRO A 351 -0.66 21.01 20.79
CA PRO A 351 -1.92 21.37 21.46
C PRO A 351 -3.13 20.84 20.68
N PRO A 352 -3.88 19.90 21.25
CA PRO A 352 -4.85 19.25 20.34
C PRO A 352 -6.01 20.15 19.91
N SER A 353 -6.50 20.99 20.80
N SER A 353 -6.51 21.01 20.80
CA SER A 353 -7.61 21.87 20.43
CA SER A 353 -7.63 21.88 20.43
C SER A 353 -7.15 22.90 19.42
C SER A 353 -7.17 22.94 19.44
N ALA A 354 -6.09 23.62 19.76
CA ALA A 354 -5.57 24.65 18.84
C ALA A 354 -5.20 24.07 17.48
N SER A 355 -4.68 22.85 17.45
CA SER A 355 -4.33 22.22 16.19
C SER A 355 -5.58 21.88 15.37
N ALA A 356 -6.59 21.32 16.04
CA ALA A 356 -7.88 21.06 15.37
C ALA A 356 -8.50 22.36 14.84
N GLY A 357 -8.38 23.44 15.59
CA GLY A 357 -8.97 24.70 15.15
C GLY A 357 -8.26 25.27 13.94
N GLN A 358 -6.94 25.16 13.91
CA GLN A 358 -6.15 25.57 12.70
C GLN A 358 -6.65 24.76 11.48
N ASN A 359 -6.96 23.48 11.67
CA ASN A 359 -7.35 22.63 10.54
C ASN A 359 -8.67 23.03 9.92
N LEU A 360 -9.50 23.75 10.66
CA LEU A 360 -10.77 24.24 10.11
C LEU A 360 -10.56 25.17 8.92
N ALA A 361 -9.37 25.77 8.80
CA ALA A 361 -8.98 26.60 7.66
C ALA A 361 -8.56 25.74 6.46
O5' 3D1 B . -0.82 -6.19 -3.87
C5' 3D1 B . -1.33 -6.58 -5.16
C4' 3D1 B . -0.24 -6.85 -6.20
O4' 3D1 B . 0.49 -5.61 -6.53
C1' 3D1 B . 1.83 -5.96 -7.09
N9 3D1 B . 2.64 -4.96 -6.41
C4 3D1 B . 3.11 -3.79 -7.00
N3 3D1 B . 3.01 -3.41 -8.29
C2 3D1 B . 3.61 -2.25 -8.51
N1 3D1 B . 4.25 -1.48 -7.62
C6 3D1 B . 4.27 -1.84 -6.29
N6 3D1 B . 4.73 -0.98 -5.38
C5 3D1 B . 3.72 -3.11 -5.97
N7 3D1 B . 3.65 -3.81 -4.78
C8 3D1 B . 3.00 -4.90 -5.07
C2' 3D1 B . 2.06 -7.40 -6.74
C3' 3D1 B . 0.91 -7.78 -5.75
O3' 3D1 B . 0.55 -9.14 -5.89
NI NI C . 3.14 -0.60 -3.99
N NO3 D . -16.76 -12.03 -7.28
O1 NO3 D . -17.80 -11.95 -8.18
O2 NO3 D . -16.88 -12.83 -6.22
O3 NO3 D . -15.62 -11.34 -7.47
N NO3 E . 9.72 1.92 14.93
O1 NO3 E . 9.67 2.77 16.01
O2 NO3 E . 9.68 0.55 15.15
O3 NO3 E . 9.79 2.29 13.63
C1 GOL F . -0.30 -15.18 -10.98
O1 GOL F . -0.60 -16.42 -11.59
C2 GOL F . -0.54 -14.04 -11.94
O2 GOL F . 0.31 -14.21 -13.06
C3 GOL F . -0.22 -12.74 -11.25
O3 GOL F . -0.33 -11.69 -12.19
#